data_4CS3
#
_entry.id   4CS3
#
_cell.length_a   102.335
_cell.length_b   44.345
_cell.length_c   64.165
_cell.angle_alpha   90.00
_cell.angle_beta   99.85
_cell.angle_gamma   90.00
#
_symmetry.space_group_name_H-M   'C 1 2 1'
#
loop_
_entity.id
_entity.type
_entity.pdbx_description
1 polymer 'PYRROLYSINE--TRNA LIGASE'
2 non-polymer LYSINE
3 non-polymer 'ADENOSINE MONOPHOSPHATE'
4 non-polymer '2-(furan-2-yl)ethyl hydrogen carbonate'
5 non-polymer 'PYROPHOSPHATE 2-'
6 non-polymer 'MAGNESIUM ION'
7 non-polymer 1,2-ETHANEDIOL
8 water water
#
_entity_poly.entity_id   1
_entity_poly.type   'polypeptide(L)'
_entity_poly.pdbx_seq_one_letter_code
;MPALTKSQTDRLEVLLNPKDEISLNSGKPFRELESELLSRRKKDLQQIYAEERENYLGKLEREITRFFVDRGFLEIKSPI
LIPLEYIERMGIDNDTELSKQIFRVDKNFCLRPMLAPNLANYLRKLDRALPDPIKIFEIGPCYRKESDGKEHLEEFTMLN
FCQMGSGCTRENLESIITDFLNHLGIDFKIVGDSCMVFGDTLDVMHGDLELSSAVVGPIPLDREWGIDKPWIGAGFGLER
LLKVKHDFKNIKRAARSESYYNGISTNLHHHHHH
;
_entity_poly.pdbx_strand_id   A
#
loop_
_chem_comp.id
_chem_comp.type
_chem_comp.name
_chem_comp.formula
AMP non-polymer 'ADENOSINE MONOPHOSPHATE' 'C10 H14 N5 O7 P'
EDO non-polymer 1,2-ETHANEDIOL 'C2 H6 O2'
FU0 non-polymer '2-(furan-2-yl)ethyl hydrogen carbonate' 'C7 H8 O4'
MG non-polymer 'MAGNESIUM ION' 'Mg 2'
POP non-polymer 'PYROPHOSPHATE 2-' 'H2 O7 P2 -2'
#
# COMPACT_ATOMS: atom_id res chain seq x y z
N ALA A 3 31.05 8.37 -22.39
CA ALA A 3 30.32 8.70 -21.16
C ALA A 3 28.85 8.83 -21.49
N LEU A 4 28.00 8.40 -20.55
CA LEU A 4 26.56 8.46 -20.73
C LEU A 4 26.00 9.76 -20.23
N THR A 5 25.06 10.33 -20.97
CA THR A 5 24.34 11.51 -20.51
C THR A 5 23.34 11.13 -19.45
N LYS A 6 22.82 12.13 -18.76
CA LYS A 6 21.78 11.90 -17.77
C LYS A 6 20.54 11.26 -18.41
N SER A 7 20.16 11.72 -19.60
CA SER A 7 19.01 11.16 -20.32
C SER A 7 19.22 9.68 -20.59
N GLN A 8 20.43 9.34 -20.99
CA GLN A 8 20.76 7.95 -21.31
C GLN A 8 20.75 7.08 -20.07
N THR A 9 21.40 7.55 -19.00
CA THR A 9 21.42 6.83 -17.74
C THR A 9 20.00 6.61 -17.21
N ASP A 10 19.16 7.65 -17.27
CA ASP A 10 17.78 7.51 -16.84
C ASP A 10 17.03 6.44 -17.63
N ARG A 11 17.27 6.39 -18.94
CA ARG A 11 16.58 5.43 -19.80
C ARG A 11 17.00 4.00 -19.46
N LEU A 12 18.30 3.80 -19.27
CA LEU A 12 18.80 2.50 -18.87
C LEU A 12 18.28 2.12 -17.48
N GLU A 13 18.18 3.06 -16.55
CA GLU A 13 17.59 2.72 -15.24
C GLU A 13 16.13 2.19 -15.33
N VAL A 14 15.37 2.73 -16.26
CA VAL A 14 13.98 2.33 -16.50
C VAL A 14 13.96 0.88 -16.92
N LEU A 15 14.91 0.48 -17.75
CA LEU A 15 14.96 -0.86 -18.29
C LEU A 15 15.66 -1.90 -17.40
N LEU A 16 16.39 -1.43 -16.39
CA LEU A 16 17.13 -2.29 -15.52
C LEU A 16 16.19 -2.88 -14.49
N ASN A 17 16.36 -4.15 -14.17
CA ASN A 17 15.56 -4.79 -13.13
C ASN A 17 16.45 -5.26 -11.99
N PRO A 18 15.88 -5.45 -10.79
CA PRO A 18 16.73 -5.73 -9.62
C PRO A 18 17.66 -6.94 -9.81
N LYS A 19 17.17 -7.97 -10.49
CA LYS A 19 17.94 -9.21 -10.65
C LYS A 19 19.10 -9.08 -11.62
N ASP A 20 19.06 -8.07 -12.49
CA ASP A 20 20.09 -7.91 -13.50
C ASP A 20 21.44 -7.70 -12.81
N GLU A 21 22.48 -8.27 -13.39
CA GLU A 21 23.84 -7.99 -12.96
C GLU A 21 24.55 -7.35 -14.15
N ILE A 22 24.12 -6.13 -14.44
CA ILE A 22 24.60 -5.34 -15.56
C ILE A 22 24.96 -3.95 -15.06
N SER A 23 26.16 -3.49 -15.41
CA SER A 23 26.66 -2.21 -14.92
C SER A 23 26.54 -1.09 -15.95
N LEU A 24 25.97 0.03 -15.52
CA LEU A 24 25.82 1.21 -16.37
C LEU A 24 27.04 2.12 -16.34
N ASN A 25 28.06 1.73 -15.57
CA ASN A 25 29.24 2.55 -15.34
C ASN A 25 30.54 1.90 -15.83
N SER A 26 30.42 0.92 -16.72
CA SER A 26 31.59 0.19 -17.24
C SER A 26 31.84 0.45 -18.72
N GLY A 27 31.59 1.67 -19.17
CA GLY A 27 32.07 2.14 -20.46
C GLY A 27 31.43 1.64 -21.73
N LYS A 28 30.54 0.64 -21.65
CA LYS A 28 29.89 0.10 -22.84
C LYS A 28 29.00 1.17 -23.50
N PRO A 29 28.93 1.18 -24.85
CA PRO A 29 28.15 2.23 -25.50
C PRO A 29 26.68 2.15 -25.08
N PHE A 30 25.97 3.28 -25.11
CA PHE A 30 24.57 3.30 -24.71
C PHE A 30 23.76 2.25 -25.48
N ARG A 31 24.02 2.11 -26.77
CA ARG A 31 23.26 1.14 -27.58
C ARG A 31 23.38 -0.31 -27.16
N GLU A 32 24.59 -0.74 -26.88
CA GLU A 32 24.85 -2.12 -26.46
C GLU A 32 24.04 -2.38 -25.20
N LEU A 33 24.10 -1.43 -24.29
CA LEU A 33 23.38 -1.56 -23.04
C LEU A 33 21.87 -1.53 -23.27
N GLU A 34 21.39 -0.60 -24.10
CA GLU A 34 19.95 -0.49 -24.32
C GLU A 34 19.43 -1.74 -25.02
N SER A 35 20.16 -2.25 -26.00
CA SER A 35 19.69 -3.41 -26.72
CA SER A 35 19.71 -3.41 -26.74
C SER A 35 19.63 -4.65 -25.85
N GLU A 36 20.64 -4.81 -25.00
CA GLU A 36 20.68 -5.92 -24.06
C GLU A 36 19.48 -5.87 -23.11
N LEU A 37 19.23 -4.71 -22.51
CA LEU A 37 18.15 -4.62 -21.55
C LEU A 37 16.78 -4.78 -22.21
N LEU A 38 16.61 -4.23 -23.39
CA LEU A 38 15.32 -4.38 -24.08
C LEU A 38 15.03 -5.85 -24.34
N SER A 39 16.05 -6.60 -24.75
CA SER A 39 15.87 -8.03 -25.01
C SER A 39 15.45 -8.78 -23.76
N ARG A 40 16.06 -8.44 -22.63
CA ARG A 40 15.74 -9.06 -21.34
C ARG A 40 14.32 -8.76 -20.92
N ARG A 41 13.91 -7.50 -21.06
CA ARG A 41 12.57 -7.11 -20.64
C ARG A 41 11.50 -7.68 -21.58
N LYS A 42 11.76 -7.75 -22.87
CA LYS A 42 10.79 -8.38 -23.79
C LYS A 42 10.62 -9.84 -23.43
N LYS A 43 11.72 -10.53 -23.15
CA LYS A 43 11.65 -11.93 -22.77
C LYS A 43 10.93 -12.11 -21.43
N ASP A 44 11.10 -11.15 -20.52
CA ASP A 44 10.40 -11.19 -19.24
C ASP A 44 8.89 -11.11 -19.46
N LEU A 45 8.46 -10.17 -20.30
CA LEU A 45 7.03 -10.04 -20.61
C LEU A 45 6.49 -11.26 -21.34
N GLN A 46 7.29 -11.78 -22.28
CA GLN A 46 6.89 -12.96 -23.02
C GLN A 46 6.67 -14.13 -22.06
N GLN A 47 7.54 -14.30 -21.06
CA GLN A 47 7.35 -15.40 -20.13
C GLN A 47 6.12 -15.23 -19.24
N ILE A 48 5.87 -14.01 -18.76
CA ILE A 48 4.67 -13.76 -17.97
C ILE A 48 3.44 -14.11 -18.80
N TYR A 49 3.45 -13.70 -20.05
CA TYR A 49 2.27 -13.89 -20.92
C TYR A 49 2.06 -15.36 -21.23
N ALA A 50 3.14 -16.10 -21.40
CA ALA A 50 3.07 -17.50 -21.70
C ALA A 50 2.66 -18.32 -20.51
N GLU A 51 3.10 -17.92 -19.32
CA GLU A 51 2.94 -18.76 -18.13
C GLU A 51 1.83 -18.28 -17.18
N GLU A 52 2.09 -17.31 -16.32
CA GLU A 52 1.12 -17.03 -15.24
C GLU A 52 0.03 -15.98 -15.52
N ARG A 53 0.43 -14.90 -16.18
CA ARG A 53 -0.45 -13.84 -16.65
C ARG A 53 -1.13 -13.02 -15.56
N GLU A 54 -0.72 -13.19 -14.31
CA GLU A 54 -1.31 -12.41 -13.22
C GLU A 54 -0.51 -11.17 -12.88
N ASN A 55 -1.24 -10.10 -12.60
CA ASN A 55 -0.67 -8.83 -12.20
C ASN A 55 -0.28 -8.91 -10.74
N TYR A 56 0.91 -8.43 -10.38
CA TYR A 56 1.38 -8.52 -9.01
C TYR A 56 0.46 -7.88 -7.99
N LEU A 57 -0.13 -6.75 -8.35
CA LEU A 57 -0.96 -6.05 -7.39
C LEU A 57 -2.25 -6.84 -7.20
N GLY A 58 -2.82 -7.34 -8.28
CA GLY A 58 -4.03 -8.13 -8.19
C GLY A 58 -3.79 -9.43 -7.44
N LYS A 59 -2.69 -10.10 -7.76
CA LYS A 59 -2.35 -11.36 -7.13
C LYS A 59 -2.12 -11.19 -5.63
N LEU A 60 -1.42 -10.13 -5.24
CA LEU A 60 -1.17 -9.87 -3.82
C LEU A 60 -2.49 -9.60 -3.09
N GLU A 61 -3.36 -8.77 -3.68
CA GLU A 61 -4.70 -8.54 -3.11
C GLU A 61 -5.41 -9.87 -2.88
N ARG A 62 -5.38 -10.76 -3.87
CA ARG A 62 -6.04 -12.07 -3.71
C ARG A 62 -5.42 -12.92 -2.60
N GLU A 63 -4.09 -12.91 -2.50
CA GLU A 63 -3.41 -13.68 -1.47
C GLU A 63 -3.74 -13.16 -0.07
N ILE A 64 -3.76 -11.84 0.06
CA ILE A 64 -4.07 -11.19 1.32
C ILE A 64 -5.53 -11.44 1.73
N THR A 65 -6.41 -11.33 0.75
CA THR A 65 -7.82 -11.62 0.97
C THR A 65 -8.00 -13.02 1.53
N ARG A 66 -7.39 -14.03 0.89
CA ARG A 66 -7.49 -15.40 1.39
C ARG A 66 -7.00 -15.54 2.83
N PHE A 67 -5.87 -14.90 3.13
CA PHE A 67 -5.30 -14.96 4.47
C PHE A 67 -6.29 -14.47 5.54
N PHE A 68 -6.89 -13.32 5.33
CA PHE A 68 -7.79 -12.74 6.31
C PHE A 68 -9.17 -13.40 6.36
N VAL A 69 -9.72 -13.76 5.22
CA VAL A 69 -10.97 -14.52 5.22
C VAL A 69 -10.81 -15.85 5.99
N ASP A 70 -9.69 -16.53 5.78
CA ASP A 70 -9.47 -17.82 6.44
C ASP A 70 -9.28 -17.67 7.94
N ARG A 71 -8.90 -16.48 8.39
CA ARG A 71 -8.72 -16.18 9.81
C ARG A 71 -9.92 -15.49 10.46
N GLY A 72 -11.04 -15.47 9.75
CA GLY A 72 -12.28 -15.07 10.37
C GLY A 72 -12.65 -13.62 10.17
N PHE A 73 -11.97 -12.93 9.25
CA PHE A 73 -12.27 -11.53 8.96
C PHE A 73 -13.22 -11.44 7.75
N LEU A 74 -14.25 -10.61 7.88
CA LEU A 74 -15.18 -10.32 6.80
C LEU A 74 -14.57 -9.35 5.75
N GLU A 75 -14.63 -9.75 4.47
CA GLU A 75 -14.15 -8.93 3.35
C GLU A 75 -15.11 -7.80 3.03
N ILE A 76 -14.64 -6.59 3.11
CA ILE A 76 -15.41 -5.37 2.85
C ILE A 76 -14.99 -4.74 1.50
N LYS A 77 -15.96 -4.24 0.73
CA LYS A 77 -15.68 -3.40 -0.43
C LYS A 77 -16.54 -2.16 -0.34
N SER A 78 -15.94 -1.06 0.09
CA SER A 78 -16.66 0.16 0.38
C SER A 78 -16.32 1.25 -0.62
N PRO A 79 -17.04 2.36 -0.57
CA PRO A 79 -16.79 3.40 -1.58
C PRO A 79 -15.38 4.01 -1.54
N ILE A 80 -14.83 4.30 -2.73
CA ILE A 80 -13.58 5.01 -2.86
C ILE A 80 -13.80 6.50 -2.86
N LEU A 81 -14.90 6.93 -3.47
CA LEU A 81 -15.32 8.31 -3.48
C LEU A 81 -16.24 8.48 -2.27
N ILE A 82 -15.79 9.32 -1.33
CA ILE A 82 -16.41 9.42 0.00
C ILE A 82 -16.76 10.86 0.34
N PRO A 83 -17.66 11.05 1.30
CA PRO A 83 -17.98 12.42 1.69
C PRO A 83 -16.79 13.14 2.27
N LEU A 84 -16.60 14.38 1.84
CA LEU A 84 -15.57 15.23 2.38
C LEU A 84 -15.75 15.35 3.89
N GLU A 85 -16.99 15.28 4.37
CA GLU A 85 -17.27 15.40 5.81
CA GLU A 85 -17.26 15.40 5.81
C GLU A 85 -16.56 14.32 6.64
N TYR A 86 -16.25 13.17 6.02
CA TYR A 86 -15.56 12.11 6.77
C TYR A 86 -14.16 12.53 7.16
N ILE A 87 -13.51 13.30 6.30
CA ILE A 87 -12.17 13.85 6.60
C ILE A 87 -12.15 14.70 7.89
N GLU A 88 -13.05 15.66 7.96
CA GLU A 88 -13.24 16.51 9.13
C GLU A 88 -13.50 15.68 10.38
N ARG A 89 -14.40 14.71 10.27
CA ARG A 89 -14.80 13.88 11.40
C ARG A 89 -13.73 12.88 11.87
N MET A 90 -12.73 12.62 11.03
CA MET A 90 -11.56 11.84 11.41
C MET A 90 -10.58 12.69 12.21
N GLY A 91 -10.91 13.96 12.41
CA GLY A 91 -10.03 14.87 13.13
C GLY A 91 -8.90 15.40 12.28
N ILE A 92 -9.14 15.48 10.97
CA ILE A 92 -8.18 16.08 10.04
C ILE A 92 -8.63 17.51 9.76
N ASP A 93 -8.07 18.48 10.49
CA ASP A 93 -8.44 19.89 10.34
C ASP A 93 -7.96 20.41 8.99
N ASN A 94 -8.70 21.33 8.39
CA ASN A 94 -8.41 21.72 7.00
C ASN A 94 -7.17 22.60 6.81
N ASP A 95 -6.49 22.93 7.90
CA ASP A 95 -5.23 23.68 7.81
C ASP A 95 -4.03 22.78 8.10
N THR A 96 -4.27 21.47 8.18
CA THR A 96 -3.20 20.50 8.43
C THR A 96 -2.64 19.94 7.14
N GLU A 97 -1.50 19.27 7.26
CA GLU A 97 -0.76 18.82 6.10
C GLU A 97 -1.50 17.70 5.37
N LEU A 98 -2.03 16.74 6.13
CA LEU A 98 -2.79 15.65 5.53
C LEU A 98 -4.01 16.22 4.83
N SER A 99 -4.58 17.30 5.37
CA SER A 99 -5.74 17.90 4.73
C SER A 99 -5.39 18.42 3.35
N LYS A 100 -4.16 18.91 3.19
CA LYS A 100 -3.70 19.42 1.89
C LYS A 100 -3.38 18.29 0.91
N GLN A 101 -3.36 17.07 1.40
CA GLN A 101 -3.12 15.91 0.54
C GLN A 101 -4.40 15.33 -0.07
N ILE A 102 -5.55 15.91 0.27
CA ILE A 102 -6.82 15.33 -0.18
C ILE A 102 -7.18 15.73 -1.61
N PHE A 103 -7.52 14.73 -2.43
CA PHE A 103 -8.07 15.02 -3.76
C PHE A 103 -9.54 15.29 -3.62
N ARG A 104 -9.95 16.54 -3.82
CA ARG A 104 -11.37 16.87 -3.72
C ARG A 104 -12.09 16.56 -5.03
N VAL A 105 -13.34 16.14 -4.90
CA VAL A 105 -14.15 15.85 -6.06
C VAL A 105 -15.48 16.56 -5.90
N ASP A 106 -15.83 17.35 -6.90
CA ASP A 106 -16.96 18.26 -6.78
C ASP A 106 -16.76 19.10 -5.52
N LYS A 107 -17.83 19.45 -4.83
CA LYS A 107 -17.71 20.33 -3.68
C LYS A 107 -17.60 19.54 -2.38
N ASN A 108 -18.32 18.42 -2.32
CA ASN A 108 -18.61 17.77 -1.05
C ASN A 108 -18.03 16.36 -0.93
N PHE A 109 -17.22 15.96 -1.90
CA PHE A 109 -16.65 14.60 -1.89
C PHE A 109 -15.14 14.64 -2.07
N CYS A 110 -14.53 13.48 -1.90
CA CYS A 110 -13.09 13.38 -2.11
C CYS A 110 -12.75 11.93 -2.40
N LEU A 111 -11.55 11.70 -2.91
CA LEU A 111 -11.03 10.35 -3.00
C LEU A 111 -10.52 9.99 -1.62
N ARG A 112 -10.89 8.83 -1.12
CA ARG A 112 -10.49 8.46 0.25
C ARG A 112 -8.97 8.40 0.34
N PRO A 113 -8.39 9.02 1.39
CA PRO A 113 -6.94 8.93 1.63
C PRO A 113 -6.58 7.76 2.54
N MET A 114 -7.60 7.11 3.08
CA MET A 114 -7.44 5.97 3.99
C MET A 114 -8.77 5.21 4.04
N LEU A 115 -8.74 4.01 4.61
CA LEU A 115 -9.93 3.16 4.71
C LEU A 115 -10.68 3.29 6.03
N ALA A 116 -10.07 3.91 7.04
CA ALA A 116 -10.60 3.87 8.38
C ALA A 116 -12.03 4.37 8.55
N PRO A 117 -12.38 5.52 7.95
CA PRO A 117 -13.75 5.97 8.25
C PRO A 117 -14.82 5.01 7.76
N ASN A 118 -14.70 4.50 6.54
CA ASN A 118 -15.65 3.50 6.07
C ASN A 118 -15.69 2.26 6.96
N LEU A 119 -14.53 1.81 7.43
CA LEU A 119 -14.46 0.64 8.28
C LEU A 119 -15.04 0.93 9.66
N ALA A 120 -14.86 2.14 10.17
CA ALA A 120 -15.50 2.53 11.44
C ALA A 120 -17.02 2.43 11.34
N ASN A 121 -17.59 2.94 10.24
CA ASN A 121 -19.03 2.80 10.02
C ASN A 121 -19.46 1.33 9.95
N TYR A 122 -18.70 0.50 9.24
CA TYR A 122 -18.99 -0.93 9.23
C TYR A 122 -18.93 -1.57 10.60
N LEU A 123 -17.93 -1.24 11.41
CA LEU A 123 -17.87 -1.82 12.75
C LEU A 123 -19.12 -1.47 13.55
N ARG A 124 -19.50 -0.20 13.53
CA ARG A 124 -20.67 0.23 14.29
C ARG A 124 -21.92 -0.52 13.83
N LYS A 125 -22.07 -0.65 12.53
CA LYS A 125 -23.28 -1.26 11.99
C LYS A 125 -23.32 -2.75 12.23
N LEU A 126 -22.20 -3.42 12.00
CA LEU A 126 -22.15 -4.88 12.14
C LEU A 126 -22.28 -5.31 13.59
N ASP A 127 -21.94 -4.42 14.52
CA ASP A 127 -22.10 -4.72 15.94
C ASP A 127 -23.54 -4.96 16.31
N ARG A 128 -24.46 -4.52 15.46
CA ARG A 128 -25.88 -4.76 15.74
C ARG A 128 -26.26 -6.19 15.36
N ALA A 129 -25.39 -6.89 14.61
CA ALA A 129 -25.75 -8.18 13.99
C ALA A 129 -24.79 -9.33 14.32
N LEU A 130 -23.51 -9.04 14.38
CA LEU A 130 -22.52 -10.11 14.48
C LEU A 130 -22.01 -10.37 15.89
N PRO A 131 -21.63 -11.63 16.15
CA PRO A 131 -21.10 -11.99 17.47
C PRO A 131 -19.71 -11.43 17.72
N ASP A 132 -19.40 -11.25 19.00
CA ASP A 132 -18.05 -10.88 19.42
C ASP A 132 -16.97 -11.95 19.21
N PRO A 133 -15.79 -11.55 18.69
CA PRO A 133 -15.36 -10.24 18.23
C PRO A 133 -15.71 -10.01 16.78
N ILE A 134 -15.89 -8.74 16.41
CA ILE A 134 -16.13 -8.38 15.02
C ILE A 134 -14.78 -8.14 14.34
N LYS A 135 -14.56 -8.87 13.24
CA LYS A 135 -13.30 -8.84 12.51
C LYS A 135 -13.60 -8.57 11.04
N ILE A 136 -13.02 -7.48 10.52
CA ILE A 136 -13.27 -7.07 9.14
C ILE A 136 -12.00 -6.55 8.49
N PHE A 137 -11.95 -6.51 7.18
CA PHE A 137 -10.81 -5.92 6.49
C PHE A 137 -11.25 -5.46 5.13
N GLU A 138 -10.48 -4.53 4.58
CA GLU A 138 -10.69 -4.04 3.22
C GLU A 138 -9.34 -3.83 2.57
N ILE A 139 -9.27 -4.12 1.28
CA ILE A 139 -8.16 -3.78 0.41
C ILE A 139 -8.68 -2.92 -0.73
N GLY A 140 -8.05 -1.78 -0.99
CA GLY A 140 -8.37 -1.07 -2.20
C GLY A 140 -7.70 0.24 -2.36
N PRO A 141 -8.03 0.95 -3.43
CA PRO A 141 -7.36 2.20 -3.76
C PRO A 141 -7.57 3.28 -2.73
N CYS A 142 -6.49 4.00 -2.46
CA CYS A 142 -6.51 5.22 -1.66
C CYS A 142 -5.63 6.29 -2.35
N TYR A 143 -5.84 7.56 -1.98
CA TYR A 143 -5.28 8.67 -2.74
C TYR A 143 -4.76 9.78 -1.85
N ARG A 144 -3.52 10.25 -2.10
CA ARG A 144 -2.95 11.37 -1.36
C ARG A 144 -2.04 12.17 -2.29
N LYS A 145 -2.21 13.48 -2.35
CA LYS A 145 -1.21 14.31 -3.06
C LYS A 145 0.11 14.22 -2.30
N GLU A 146 1.17 13.84 -3.00
CA GLU A 146 2.46 13.59 -2.39
C GLU A 146 3.57 14.33 -3.14
N SER A 147 4.71 14.49 -2.49
CA SER A 147 5.94 14.90 -3.18
C SER A 147 6.48 13.69 -3.94
N ASP A 148 5.83 12.55 -3.73
CA ASP A 148 6.27 11.27 -4.26
C ASP A 148 7.65 10.91 -3.76
N GLY A 149 8.63 10.84 -4.65
CA GLY A 149 9.89 10.22 -4.32
C GLY A 149 9.75 8.72 -4.47
N LYS A 150 10.72 8.00 -3.93
CA LYS A 150 10.85 6.56 -4.18
C LYS A 150 9.94 5.68 -3.36
N GLU A 151 9.29 6.22 -2.33
CA GLU A 151 8.46 5.44 -1.40
C GLU A 151 6.97 5.86 -1.32
N HIS A 152 6.59 6.90 -2.04
CA HIS A 152 5.21 7.40 -2.04
C HIS A 152 4.60 7.46 -3.42
N LEU A 153 3.31 7.18 -3.46
CA LEU A 153 2.54 7.25 -4.69
C LEU A 153 1.31 8.11 -4.41
N GLU A 154 0.76 8.74 -5.42
CA GLU A 154 -0.47 9.50 -5.23
C GLU A 154 -1.67 8.56 -5.25
N GLU A 155 -1.57 7.49 -6.02
CA GLU A 155 -2.59 6.46 -6.14
C GLU A 155 -1.99 5.15 -5.66
N PHE A 156 -2.43 4.69 -4.51
CA PHE A 156 -1.85 3.50 -3.88
C PHE A 156 -2.95 2.55 -3.42
N THR A 157 -2.58 1.40 -2.86
CA THR A 157 -3.54 0.38 -2.46
C THR A 157 -3.28 0.05 -1.00
N MET A 158 -4.32 0.19 -0.17
CA MET A 158 -4.19 -0.12 1.24
C MET A 158 -4.96 -1.36 1.60
N LEU A 159 -4.39 -2.13 2.53
CA LEU A 159 -5.07 -3.13 3.34
C LEU A 159 -5.30 -2.52 4.70
N ASN A 160 -6.49 -2.62 5.25
CA ASN A 160 -6.75 -2.26 6.64
C ASN A 160 -7.57 -3.40 7.23
N PHE A 161 -7.06 -4.03 8.26
CA PHE A 161 -7.83 -5.00 9.01
C PHE A 161 -8.07 -4.43 10.40
N CYS A 162 -9.19 -4.82 11.00
CA CYS A 162 -9.47 -4.40 12.34
C CYS A 162 -10.35 -5.37 13.05
N GLN A 163 -10.31 -5.30 14.38
CA GLN A 163 -11.07 -6.19 15.25
C GLN A 163 -11.67 -5.33 16.33
N MET A 164 -12.87 -5.65 16.79
CA MET A 164 -13.54 -4.86 17.81
C MET A 164 -14.26 -5.79 18.77
N GLY A 165 -14.03 -5.57 20.07
CA GLY A 165 -14.64 -6.35 21.13
C GLY A 165 -13.58 -7.03 21.96
N SER A 166 -13.70 -8.34 22.13
CA SER A 166 -12.69 -9.08 22.86
C SER A 166 -11.45 -9.26 22.00
N GLY A 167 -10.34 -9.58 22.65
CA GLY A 167 -9.10 -9.89 21.95
C GLY A 167 -8.38 -8.68 21.38
N CYS A 168 -8.74 -7.48 21.82
CA CYS A 168 -8.17 -6.28 21.22
C CYS A 168 -7.04 -5.72 22.10
N THR A 169 -5.97 -6.50 22.14
CA THR A 169 -4.79 -6.19 22.91
C THR A 169 -3.60 -5.91 21.99
N ARG A 170 -2.59 -5.23 22.52
CA ARG A 170 -1.36 -5.03 21.75
C ARG A 170 -0.78 -6.39 21.37
N GLU A 171 -0.80 -7.34 22.31
CA GLU A 171 -0.24 -8.66 22.02
C GLU A 171 -0.91 -9.35 20.84
N ASN A 172 -2.24 -9.34 20.81
CA ASN A 172 -2.95 -9.97 19.72
C ASN A 172 -2.71 -9.25 18.38
N LEU A 173 -2.71 -7.92 18.41
CA LEU A 173 -2.40 -7.13 17.22
C LEU A 173 -1.01 -7.46 16.67
N GLU A 174 0.00 -7.52 17.54
CA GLU A 174 1.33 -7.83 17.07
C GLU A 174 1.37 -9.25 16.52
N SER A 175 0.62 -10.16 17.16
CA SER A 175 0.59 -11.54 16.71
C SER A 175 -0.03 -11.66 15.33
N ILE A 176 -1.08 -10.90 15.04
CA ILE A 176 -1.67 -10.95 13.70
C ILE A 176 -0.72 -10.39 12.67
N ILE A 177 -0.11 -9.26 12.98
CA ILE A 177 0.88 -8.66 12.08
C ILE A 177 2.02 -9.65 11.80
N THR A 178 2.52 -10.28 12.84
CA THR A 178 3.58 -11.27 12.71
C THR A 178 3.15 -12.46 11.84
N ASP A 179 1.97 -13.00 12.06
CA ASP A 179 1.49 -14.12 11.24
C ASP A 179 1.36 -13.70 9.79
N PHE A 180 0.87 -12.48 9.57
CA PHE A 180 0.66 -11.97 8.21
C PHE A 180 1.96 -11.75 7.45
N LEU A 181 2.92 -11.07 8.05
CA LEU A 181 4.17 -10.81 7.37
C LEU A 181 5.01 -12.07 7.28
N ASN A 182 4.90 -12.96 8.25
CA ASN A 182 5.54 -14.27 8.11
C ASN A 182 4.97 -15.00 6.87
N HIS A 183 3.66 -14.90 6.65
CA HIS A 183 3.00 -15.55 5.51
C HIS A 183 3.54 -15.01 4.19
N LEU A 184 3.78 -13.71 4.15
CA LEU A 184 4.26 -13.04 2.95
C LEU A 184 5.78 -13.20 2.79
N GLY A 185 6.45 -13.66 3.83
CA GLY A 185 7.90 -13.84 3.82
C GLY A 185 8.67 -12.54 3.91
N ILE A 186 8.16 -11.60 4.71
CA ILE A 186 8.79 -10.31 4.88
C ILE A 186 9.25 -10.08 6.32
N ASP A 187 10.53 -9.78 6.48
CA ASP A 187 11.09 -9.46 7.80
C ASP A 187 10.71 -8.05 8.21
N PHE A 188 10.58 -7.85 9.51
CA PHE A 188 10.20 -6.54 10.01
C PHE A 188 10.52 -6.34 11.50
N LYS A 189 10.39 -5.09 11.93
CA LYS A 189 10.44 -4.75 13.33
C LYS A 189 9.28 -3.82 13.63
N ILE A 190 8.96 -3.68 14.92
CA ILE A 190 7.92 -2.77 15.35
C ILE A 190 8.52 -1.65 16.17
N VAL A 191 8.17 -0.41 15.84
CA VAL A 191 8.67 0.75 16.58
C VAL A 191 7.49 1.63 16.97
N GLY A 192 7.59 2.29 18.11
CA GLY A 192 6.55 3.19 18.55
C GLY A 192 6.66 4.48 17.77
N ASP A 193 5.52 5.02 17.35
CA ASP A 193 5.49 6.32 16.67
C ASP A 193 4.17 7.01 17.05
N SER A 194 3.84 8.10 16.39
CA SER A 194 2.61 8.80 16.69
C SER A 194 2.16 9.59 15.47
N CYS A 195 0.85 9.74 15.31
CA CYS A 195 0.32 10.56 14.23
C CYS A 195 -0.87 11.37 14.70
N MET A 196 -1.18 12.45 13.96
CA MET A 196 -2.16 13.43 14.39
C MET A 196 -3.56 12.84 14.54
N VAL A 197 -3.87 11.83 13.73
CA VAL A 197 -5.22 11.30 13.69
C VAL A 197 -5.50 10.29 14.80
N PHE A 198 -4.63 9.30 14.94
CA PHE A 198 -4.91 8.19 15.86
C PHE A 198 -4.18 8.31 17.19
N GLY A 199 -3.17 9.16 17.23
CA GLY A 199 -2.33 9.29 18.41
C GLY A 199 -1.17 8.32 18.33
N ASP A 200 -0.90 7.61 19.42
CA ASP A 200 0.22 6.70 19.44
C ASP A 200 -0.04 5.51 18.53
N THR A 201 0.97 5.15 17.77
CA THR A 201 0.90 4.00 16.88
C THR A 201 2.04 3.03 17.11
N LEU A 202 1.90 1.88 16.48
CA LEU A 202 2.96 0.90 16.35
C LEU A 202 3.26 0.86 14.87
N ASP A 203 4.42 1.34 14.47
CA ASP A 203 4.81 1.28 13.08
C ASP A 203 5.60 0.03 12.78
N VAL A 204 5.22 -0.61 11.69
CA VAL A 204 5.83 -1.82 11.20
C VAL A 204 6.84 -1.41 10.14
N MET A 205 8.11 -1.66 10.43
CA MET A 205 9.23 -1.17 9.62
C MET A 205 9.99 -2.31 8.95
N HIS A 206 10.38 -2.10 7.71
CA HIS A 206 11.37 -2.93 7.03
C HIS A 206 12.55 -2.02 6.76
N GLY A 207 13.56 -2.10 7.60
CA GLY A 207 14.62 -1.10 7.55
C GLY A 207 14.02 0.26 7.86
N ASP A 208 14.25 1.22 6.97
CA ASP A 208 13.75 2.57 7.14
C ASP A 208 12.40 2.77 6.45
N LEU A 209 11.86 1.70 5.89
CA LEU A 209 10.61 1.78 5.12
C LEU A 209 9.42 1.37 5.98
N GLU A 210 8.43 2.24 6.11
CA GLU A 210 7.20 1.92 6.84
C GLU A 210 6.26 1.06 6.00
N LEU A 211 6.01 -0.16 6.46
CA LEU A 211 5.02 -1.02 5.83
C LEU A 211 3.63 -0.71 6.33
N SER A 212 3.52 -0.35 7.60
CA SER A 212 2.20 -0.22 8.23
C SER A 212 2.24 0.71 9.42
N SER A 213 1.12 1.37 9.69
CA SER A 213 0.84 1.94 11.02
C SER A 213 -0.33 1.19 11.63
N ALA A 214 -0.21 0.88 12.93
CA ALA A 214 -1.21 0.10 13.66
C ALA A 214 -1.58 0.82 14.94
N VAL A 215 -2.79 0.59 15.40
CA VAL A 215 -3.33 1.27 16.58
C VAL A 215 -4.05 0.30 17.49
N VAL A 216 -3.80 0.47 18.80
CA VAL A 216 -4.58 -0.20 19.84
C VAL A 216 -5.52 0.82 20.44
N GLY A 217 -6.82 0.64 20.18
CA GLY A 217 -7.84 1.49 20.76
C GLY A 217 -8.17 1.00 22.15
N PRO A 218 -9.12 1.66 22.80
CA PRO A 218 -9.94 2.76 22.29
C PRO A 218 -9.18 4.08 22.27
N ILE A 219 -9.68 5.02 21.49
CA ILE A 219 -9.15 6.37 21.42
C ILE A 219 -10.29 7.38 21.45
N PRO A 220 -9.98 8.64 21.78
CA PRO A 220 -11.06 9.63 21.93
C PRO A 220 -11.91 9.84 20.65
N LEU A 221 -11.29 9.64 19.49
CA LEU A 221 -11.98 9.79 18.21
C LEU A 221 -13.16 8.85 18.06
N ASP A 222 -13.14 7.75 18.78
CA ASP A 222 -14.14 6.68 18.64
C ASP A 222 -15.56 7.21 18.77
N ARG A 223 -15.76 8.13 19.70
CA ARG A 223 -17.07 8.65 20.01
C ARG A 223 -17.70 9.32 18.79
N GLU A 224 -16.87 9.94 17.96
CA GLU A 224 -17.38 10.65 16.80
C GLU A 224 -17.93 9.68 15.75
N TRP A 225 -17.55 8.40 15.84
CA TRP A 225 -17.98 7.37 14.87
C TRP A 225 -18.92 6.38 15.54
N GLY A 226 -19.38 6.70 16.74
CA GLY A 226 -20.27 5.83 17.48
C GLY A 226 -19.68 4.49 17.90
N ILE A 227 -18.36 4.47 18.12
CA ILE A 227 -17.67 3.28 18.56
C ILE A 227 -17.40 3.44 20.04
N ASP A 228 -17.72 2.42 20.82
CA ASP A 228 -17.48 2.49 22.25
C ASP A 228 -16.95 1.18 22.87
N LYS A 229 -16.30 0.37 22.05
CA LYS A 229 -15.70 -0.88 22.48
C LYS A 229 -14.22 -0.81 22.15
N PRO A 230 -13.42 -1.70 22.78
CA PRO A 230 -12.01 -1.80 22.40
C PRO A 230 -11.88 -2.25 20.96
N TRP A 231 -10.79 -1.86 20.32
CA TRP A 231 -10.55 -2.25 18.94
C TRP A 231 -9.05 -2.19 18.67
N ILE A 232 -8.62 -2.92 17.63
CA ILE A 232 -7.24 -2.90 17.17
C ILE A 232 -7.30 -2.88 15.67
N GLY A 233 -6.32 -2.27 15.03
CA GLY A 233 -6.32 -2.26 13.58
C GLY A 233 -4.99 -1.90 13.01
N ALA A 234 -4.75 -2.23 11.74
CA ALA A 234 -3.51 -1.88 11.07
C ALA A 234 -3.75 -1.63 9.60
N GLY A 235 -3.03 -0.67 9.04
CA GLY A 235 -3.07 -0.39 7.62
C GLY A 235 -1.73 -0.62 6.97
N PHE A 236 -1.72 -1.33 5.85
CA PHE A 236 -0.52 -1.64 5.10
C PHE A 236 -0.64 -1.18 3.66
N GLY A 237 0.42 -0.64 3.07
CA GLY A 237 0.46 -0.34 1.67
C GLY A 237 0.91 -1.54 0.84
N LEU A 238 0.08 -2.01 -0.11
CA LEU A 238 0.47 -3.15 -0.93
C LEU A 238 1.67 -2.87 -1.83
N GLU A 239 1.76 -1.67 -2.37
CA GLU A 239 2.89 -1.35 -3.22
C GLU A 239 4.19 -1.38 -2.41
N ARG A 240 4.13 -0.97 -1.15
CA ARG A 240 5.32 -1.06 -0.30
C ARG A 240 5.69 -2.52 -0.05
N LEU A 241 4.70 -3.38 0.20
CA LEU A 241 4.96 -4.79 0.35
C LEU A 241 5.62 -5.37 -0.90
N LEU A 242 5.12 -5.01 -2.09
CA LEU A 242 5.70 -5.46 -3.34
C LEU A 242 7.13 -4.94 -3.51
N LYS A 243 7.35 -3.66 -3.17
CA LYS A 243 8.69 -3.07 -3.24
C LYS A 243 9.68 -3.90 -2.46
N VAL A 244 9.31 -4.31 -1.26
CA VAL A 244 10.21 -5.13 -0.46
C VAL A 244 10.36 -6.51 -1.06
N LYS A 245 9.25 -7.14 -1.40
CA LYS A 245 9.30 -8.50 -1.91
C LYS A 245 10.14 -8.64 -3.17
N HIS A 246 10.07 -7.65 -4.05
CA HIS A 246 10.71 -7.75 -5.35
C HIS A 246 11.97 -6.90 -5.47
N ASP A 247 12.33 -6.25 -4.36
CA ASP A 247 13.53 -5.40 -4.26
C ASP A 247 13.54 -4.27 -5.27
N PHE A 248 12.38 -3.67 -5.50
CA PHE A 248 12.33 -2.56 -6.42
C PHE A 248 13.03 -1.37 -5.77
N LYS A 249 13.73 -0.58 -6.59
CA LYS A 249 14.36 0.65 -6.10
C LYS A 249 13.37 1.80 -6.00
N ASN A 250 12.33 1.78 -6.81
CA ASN A 250 11.35 2.85 -6.81
C ASN A 250 9.96 2.24 -6.77
N ILE A 251 9.16 2.75 -5.87
CA ILE A 251 7.82 2.20 -5.64
C ILE A 251 6.93 2.30 -6.89
N LYS A 252 7.26 3.19 -7.82
CA LYS A 252 6.48 3.26 -9.06
C LYS A 252 6.44 1.94 -9.82
N ARG A 253 7.41 1.05 -9.59
CA ARG A 253 7.45 -0.24 -10.27
C ARG A 253 6.33 -1.17 -9.83
N ALA A 254 5.75 -0.88 -8.66
CA ALA A 254 4.72 -1.70 -8.03
C ALA A 254 3.29 -1.15 -8.19
N ALA A 255 3.18 0.06 -8.74
CA ALA A 255 1.93 0.81 -8.79
C ALA A 255 1.05 0.43 -9.95
N ARG A 256 -0.24 0.73 -9.83
CA ARG A 256 -1.11 0.83 -11.00
C ARG A 256 -0.44 1.75 -11.97
N SER A 257 -0.29 1.34 -13.22
CA SER A 257 0.58 2.09 -14.12
C SER A 257 0.36 1.74 -15.54
N GLU A 258 0.69 2.67 -16.43
CA GLU A 258 0.82 2.36 -17.83
C GLU A 258 2.29 2.17 -18.20
N SER A 259 3.18 2.45 -17.27
CA SER A 259 4.65 2.51 -17.53
C SER A 259 5.40 1.24 -17.13
N TYR A 260 4.80 0.47 -16.22
CA TYR A 260 5.38 -0.77 -15.74
C TYR A 260 4.32 -1.82 -15.57
N TYR A 261 4.71 -3.04 -15.87
CA TYR A 261 3.89 -4.22 -15.68
C TYR A 261 4.71 -5.20 -14.86
N ASN A 262 4.25 -5.50 -13.66
CA ASN A 262 5.00 -6.40 -12.79
C ASN A 262 6.48 -5.96 -12.70
N GLY A 263 6.67 -4.65 -12.63
CA GLY A 263 8.00 -4.08 -12.47
C GLY A 263 8.83 -4.00 -13.74
N ILE A 264 8.26 -4.39 -14.87
CA ILE A 264 8.96 -4.39 -16.15
C ILE A 264 8.47 -3.22 -16.95
N SER A 265 9.39 -2.42 -17.50
CA SER A 265 9.00 -1.29 -18.31
C SER A 265 8.14 -1.71 -19.50
N THR A 266 7.05 -0.98 -19.73
CA THR A 266 6.22 -1.18 -20.91
C THR A 266 6.65 -0.29 -22.08
N ASN A 267 7.68 0.52 -21.88
CA ASN A 267 8.14 1.45 -22.90
C ASN A 267 9.39 0.89 -23.54
N LEU A 268 9.19 0.07 -24.55
CA LEU A 268 10.23 -0.75 -25.10
C LEU A 268 10.63 -0.30 -26.50
N HIS A 269 10.49 1.00 -26.73
CA HIS A 269 11.02 1.68 -27.90
C HIS A 269 12.53 1.95 -27.78
N HIS A 270 13.17 2.34 -28.88
CA HIS A 270 14.56 2.77 -28.83
C HIS A 270 14.67 4.26 -28.53
N HIS A 271 15.65 4.60 -27.71
CA HIS A 271 15.92 5.97 -27.28
C HIS A 271 16.85 6.67 -28.28
N HIS A 272 16.52 7.90 -28.63
CA HIS A 272 17.40 8.75 -29.44
C HIS A 272 17.50 10.13 -28.80
N LYS B . -5.66 4.82 8.69
CA LYS B . -4.33 4.59 9.09
C LYS B . -3.37 5.26 8.10
O LYS B . -3.80 5.65 7.07
CB LYS B . -3.99 3.09 9.07
CG LYS B . -4.95 2.27 9.97
CD LYS B . -4.75 2.65 11.48
CE LYS B . -5.63 1.77 12.33
NZ LYS B . -6.99 2.30 12.21
H2 LYS B . -5.72 5.66 8.34
H LYS B . -6.22 4.75 9.44
HA LYS B . -4.18 4.97 10.03
HB2 LYS B . -4.06 2.75 8.13
HB3 LYS B . -3.09 2.96 9.38
HG2 LYS B . -4.79 1.27 9.84
HG3 LYS B . -5.87 2.49 9.72
HD2 LYS B . -3.80 2.53 11.73
HD3 LYS B . -5.01 3.61 11.63
HE2 LYS B . -5.34 1.76 13.23
HE3 LYS B . -5.61 0.82 11.95
HZ1 LYS B . -7.12 3.19 12.22
P AMP C . -0.85 5.53 7.27
O1P AMP C . 0.38 5.26 8.12
O2P AMP C . -1.05 6.96 6.98
O3P AMP C . -2.00 5.04 8.27
O5' AMP C . -0.99 4.65 5.99
C5' AMP C . -0.92 3.23 6.24
C4' AMP C . 0.05 2.63 5.19
O4' AMP C . -0.36 2.95 3.98
C3' AMP C . 1.46 3.19 5.32
O3' AMP C . 2.21 2.53 6.33
C2' AMP C . 1.95 2.93 3.90
O2' AMP C . 2.33 1.50 3.79
C1' AMP C . 0.90 3.13 3.08
N9 AMP C . 0.87 4.44 2.48
C8 AMP C . 0.47 5.61 3.03
N7 AMP C . 0.66 6.63 2.17
C5 AMP C . 1.17 6.09 1.02
C6 AMP C . 1.56 6.63 -0.24
N6 AMP C . 1.46 7.99 -0.54
N1 AMP C . 2.06 5.72 -1.12
C2 AMP C . 2.21 4.44 -0.87
N3 AMP C . 1.82 3.89 0.27
C4 AMP C . 1.31 4.71 1.23
H5'1 AMP C . -0.59 3.07 7.15
H5'2 AMP C . -1.81 2.84 6.14
H4' AMP C . 0.06 1.68 5.28
H3' AMP C . 1.44 4.16 5.50
HO3' AMP C . 3.01 2.29 6.00
H2' AMP C . 2.74 3.54 3.66
HO2' AMP C . 3.10 1.38 4.08
H1' AMP C . 0.90 2.46 2.40
H8 AMP C . 0.12 5.70 3.93
HN61 AMP C . 0.66 8.33 -0.86
HN62 AMP C . 2.15 8.52 -0.43
H2 AMP C . 2.56 3.86 -1.58
C FU0 D . -8.07 1.46 11.87
C1 FU0 D . -11.71 1.59 12.26
C2 FU0 D . -11.78 2.74 13.27
O2 FU0 D . -9.37 2.00 11.96
C3 FU0 D . -12.22 2.68 14.60
C4 FU0 D . -12.15 4.02 15.14
C5 FU0 D . -11.69 4.86 14.14
C1' FU0 D . -10.35 1.01 11.90
O41 FU0 D . -11.48 4.08 13.02
O1 FU0 D . -7.93 0.28 11.84
H5 FU0 D . -11.52 5.86 14.21
H1' FU0 D . -10.38 0.64 10.98
H1'A FU0 D . -10.13 0.30 12.52
H1 FU0 D . -12.15 1.88 11.44
H1A FU0 D . -12.27 0.82 12.65
H3 FU0 D . -12.52 1.86 15.08
H4 FU0 D . -12.39 4.30 16.07
P1 POP E . 4.84 7.92 5.52
O1 POP E . 4.36 9.03 4.61
O2 POP E . 6.00 7.18 4.91
O3 POP E . 5.27 8.50 6.85
O POP E . 3.63 6.89 5.74
P2 POP E . 2.28 7.40 6.46
O4 POP E . 1.23 6.52 5.84
O5 POP E . 2.37 7.23 7.96
O6 POP E . 1.99 8.83 6.09
MG MG F . 2.42 10.38 4.61
MG MG G . 2.26 5.83 9.26
C1 EDO H . 1.83 -3.64 -10.94
O1 EDO H . 1.98 -3.95 -12.34
C2 EDO H . 2.97 -4.19 -10.11
O2 EDO H . 4.23 -3.96 -10.76
H11 EDO H . 0.89 -4.07 -10.58
H12 EDO H . 1.77 -2.56 -10.81
HO1 EDO H . 1.24 -3.59 -12.84
H21 EDO H . 2.83 -5.25 -9.97
H22 EDO H . 2.98 -3.70 -9.14
HO2 EDO H . 4.94 -4.31 -10.21
#